data_9EUE
#
_entry.id   9EUE
#
_cell.length_a   49.027
_cell.length_b   49.027
_cell.length_c   196.819
_cell.angle_alpha   90.000
_cell.angle_beta   90.000
_cell.angle_gamma   120.000
#
_symmetry.space_group_name_H-M   'P 32 2 1'
#
loop_
_entity.id
_entity.type
_entity.pdbx_description
1 polymer 'Peptidyl-prolyl cis-trans isomerase FKBP5'
2 non-polymer '(1-methylpyrazol-4-yl)methyl (2S)-1-[(2S)-2-cyclohexyl-2-(3,4,5-trimethoxyphenyl)ethanoyl]piperidine-2-carboxylate'
3 water water
#
_entity_poly.entity_id   1
_entity_poly.type   'polypeptide(L)'
_entity_poly.pdbx_seq_one_letter_code
;GAPATVTEQGEDITSKKDRGVLKIVKRVGNGEETPMIGDKVYVHYKGKLSNGKKFDSSHDRNEPFVFSLGKGQVIKAWDI
GVATMKKGEIAHLLIKPEYAYGSAGSLPKIPSNATLFFEIELLDFKGE
;
_entity_poly.pdbx_strand_id   A,B
#
loop_
_chem_comp.id
_chem_comp.type
_chem_comp.name
_chem_comp.formula
A1H68 non-polymer '(1-methylpyrazol-4-yl)methyl (2S)-1-[(2S)-2-cyclohexyl-2-(3,4,5-trimethoxyphenyl)ethanoyl]piperidine-2-carboxylate' 'C28 H39 N3 O6'
#
# COMPACT_ATOMS: atom_id res chain seq x y z
N GLY A 1 -6.57 29.58 -10.19
CA GLY A 1 -5.32 28.97 -10.67
C GLY A 1 -5.54 27.54 -11.17
N ALA A 2 -4.45 26.77 -11.21
CA ALA A 2 -4.47 25.42 -11.77
C ALA A 2 -5.56 24.57 -11.13
N PRO A 3 -5.72 24.55 -9.79
CA PRO A 3 -6.75 23.70 -9.18
C PRO A 3 -8.19 24.04 -9.57
N ALA A 4 -8.52 25.32 -9.65
CA ALA A 4 -9.86 25.75 -10.04
C ALA A 4 -10.15 25.35 -11.48
N THR A 5 -9.14 25.43 -12.34
CA THR A 5 -9.32 25.09 -13.74
C THR A 5 -9.70 23.60 -13.82
N VAL A 6 -9.06 22.78 -12.99
CA VAL A 6 -9.33 21.36 -13.05
C VAL A 6 -10.72 21.09 -12.50
N THR A 7 -11.10 21.76 -11.39
CA THR A 7 -12.44 21.65 -10.85
C THR A 7 -13.48 21.88 -11.96
N GLU A 8 -13.35 22.97 -12.72
CA GLU A 8 -14.45 23.35 -13.59
C GLU A 8 -14.31 22.67 -14.95
N GLN A 9 -13.11 22.27 -15.39
CA GLN A 9 -12.91 21.77 -16.74
C GLN A 9 -12.33 20.35 -16.82
N GLY A 10 -11.95 19.76 -15.68
CA GLY A 10 -11.18 18.53 -15.73
C GLY A 10 -12.08 17.34 -15.99
N GLU A 11 -11.53 16.31 -16.64
CA GLU A 11 -12.26 15.07 -16.94
C GLU A 11 -12.31 14.15 -15.72
N ASP A 12 -13.49 13.59 -15.42
CA ASP A 12 -13.66 12.68 -14.31
C ASP A 12 -13.22 11.29 -14.72
N ILE A 13 -12.07 10.84 -14.19
CA ILE A 13 -11.48 9.60 -14.68
C ILE A 13 -11.71 8.47 -13.68
N THR A 14 -12.63 8.65 -12.72
CA THR A 14 -12.99 7.57 -11.81
C THR A 14 -13.98 6.65 -12.53
N SER A 15 -13.89 5.35 -12.19
CA SER A 15 -14.85 4.31 -12.57
C SER A 15 -16.21 4.62 -12.01
N LYS A 16 -16.21 5.09 -10.76
CA LYS A 16 -17.46 5.38 -10.08
C LYS A 16 -18.13 6.65 -10.57
N LYS A 17 -17.42 7.50 -11.31
CA LYS A 17 -17.96 8.80 -11.70
C LYS A 17 -18.42 9.61 -10.48
N ASP A 18 -17.55 9.71 -9.48
CA ASP A 18 -17.83 10.45 -8.26
C ASP A 18 -16.97 11.73 -8.17
N ARG A 19 -16.39 12.13 -9.30
CA ARG A 19 -15.49 13.25 -9.43
C ARG A 19 -14.29 13.20 -8.46
N GLY A 20 -13.89 12.02 -8.00
CA GLY A 20 -12.84 11.91 -6.98
C GLY A 20 -11.44 12.18 -7.52
N VAL A 21 -11.25 12.02 -8.83
CA VAL A 21 -9.99 12.23 -9.51
C VAL A 21 -10.33 12.93 -10.84
N LEU A 22 -9.95 14.21 -10.94
CA LEU A 22 -10.17 15.03 -12.11
C LEU A 22 -8.84 15.33 -12.80
N LYS A 23 -8.80 15.29 -14.15
CA LYS A 23 -7.55 15.38 -14.90
C LYS A 23 -7.66 16.33 -16.08
N ILE A 24 -6.60 17.14 -16.25
CA ILE A 24 -6.39 17.90 -17.48
C ILE A 24 -5.02 17.55 -18.03
N VAL A 25 -4.99 17.23 -19.32
CA VAL A 25 -3.73 17.02 -20.00
C VAL A 25 -3.15 18.40 -20.25
N LYS A 26 -1.94 18.67 -19.75
CA LYS A 26 -1.33 19.96 -20.02
C LYS A 26 -0.35 19.85 -21.19
N ARG A 27 0.32 18.70 -21.36
CA ARG A 27 1.13 18.50 -22.57
C ARG A 27 0.98 17.08 -23.10
N VAL A 28 0.69 16.94 -24.40
CA VAL A 28 0.41 15.64 -24.97
C VAL A 28 1.69 14.81 -25.01
N GLY A 29 1.56 13.50 -24.82
CA GLY A 29 2.69 12.57 -24.84
C GLY A 29 2.82 11.89 -26.19
N ASN A 30 3.66 10.85 -26.23
CA ASN A 30 4.07 10.18 -27.44
C ASN A 30 3.42 8.79 -27.53
N GLY A 31 3.06 8.41 -28.76
CA GLY A 31 2.52 7.09 -29.09
C GLY A 31 1.10 6.90 -28.54
N GLU A 32 0.62 5.65 -28.54
CA GLU A 32 -0.73 5.34 -28.07
C GLU A 32 -0.67 4.70 -26.68
N GLU A 33 0.49 4.14 -26.29
CA GLU A 33 0.66 3.23 -25.15
C GLU A 33 0.57 4.00 -23.82
N THR A 34 -0.28 3.49 -22.90
CA THR A 34 -0.32 3.88 -21.50
C THR A 34 0.08 2.68 -20.64
N PRO A 35 0.59 2.92 -19.41
CA PRO A 35 1.18 1.84 -18.61
C PRO A 35 0.17 0.83 -18.06
N MET A 36 0.62 -0.42 -17.94
CA MET A 36 -0.16 -1.54 -17.45
C MET A 36 0.13 -1.68 -15.95
N ILE A 37 -0.84 -2.24 -15.22
CA ILE A 37 -0.58 -2.63 -13.84
C ILE A 37 0.68 -3.51 -13.76
N GLY A 38 1.60 -3.13 -12.86
CA GLY A 38 2.85 -3.80 -12.60
C GLY A 38 4.03 -3.17 -13.35
N ASP A 39 3.75 -2.26 -14.28
CA ASP A 39 4.82 -1.60 -15.01
C ASP A 39 5.63 -0.73 -14.03
N LYS A 40 6.98 -0.70 -14.20
CA LYS A 40 7.81 0.25 -13.44
C LYS A 40 7.63 1.61 -14.10
N VAL A 41 7.20 2.63 -13.35
CA VAL A 41 6.94 3.94 -13.96
C VAL A 41 7.84 5.01 -13.33
N TYR A 42 8.28 5.96 -14.17
CA TYR A 42 9.23 7.02 -13.86
C TYR A 42 8.59 8.39 -14.07
N VAL A 43 8.49 9.23 -13.01
CA VAL A 43 7.87 10.54 -13.18
C VAL A 43 8.66 11.68 -12.53
N HIS A 44 8.33 12.90 -12.97
CA HIS A 44 8.55 14.12 -12.21
C HIS A 44 7.20 14.72 -11.84
N TYR A 45 7.15 15.29 -10.62
CA TYR A 45 5.90 15.82 -10.09
C TYR A 45 6.18 16.96 -9.12
N LYS A 46 5.14 17.81 -9.00
CA LYS A 46 4.97 18.80 -7.95
C LYS A 46 3.59 18.59 -7.38
N GLY A 47 3.47 18.77 -6.05
CA GLY A 47 2.20 18.53 -5.42
C GLY A 47 2.01 19.49 -4.26
N LYS A 48 0.75 19.63 -3.84
CA LYS A 48 0.38 20.52 -2.78
C LYS A 48 -0.98 20.12 -2.22
N LEU A 49 -1.22 20.57 -0.98
CA LEU A 49 -2.56 20.59 -0.43
C LEU A 49 -3.30 21.67 -1.19
N SER A 50 -4.59 21.50 -1.45
CA SER A 50 -5.29 22.58 -2.15
C SER A 50 -5.34 23.86 -1.29
N ASN A 51 -5.25 23.73 0.04
CA ASN A 51 -4.99 24.84 0.97
C ASN A 51 -3.70 25.59 0.58
N GLY A 52 -2.65 24.83 0.26
CA GLY A 52 -1.33 25.37 -0.08
C GLY A 52 -0.45 25.46 1.17
N LYS A 53 -0.78 24.69 2.20
CA LYS A 53 -0.03 24.76 3.44
C LYS A 53 1.26 23.89 3.35
N LYS A 54 1.31 22.91 2.43
CA LYS A 54 2.43 22.00 2.23
C LYS A 54 2.57 21.79 0.72
N PHE A 55 3.82 21.80 0.22
CA PHE A 55 4.20 21.72 -1.19
C PHE A 55 5.34 20.72 -1.32
N ASP A 56 5.40 19.94 -2.40
CA ASP A 56 6.35 18.84 -2.50
C ASP A 56 6.75 18.66 -3.96
N SER A 57 8.03 18.37 -4.19
CA SER A 57 8.56 18.17 -5.53
C SER A 57 9.63 17.07 -5.57
N SER A 58 9.51 16.20 -6.57
CA SER A 58 10.63 15.36 -6.99
C SER A 58 11.75 16.25 -7.56
N HIS A 59 11.40 17.38 -8.21
CA HIS A 59 12.41 18.33 -8.68
C HIS A 59 13.36 18.78 -7.57
N ASP A 60 12.86 18.84 -6.33
CA ASP A 60 13.64 19.20 -5.14
C ASP A 60 14.48 17.99 -4.66
N ARG A 61 14.82 17.07 -5.56
CA ARG A 61 15.99 16.20 -5.38
C ARG A 61 16.55 15.77 -6.72
N ASN A 62 16.12 16.46 -7.81
CA ASN A 62 16.70 16.36 -9.15
C ASN A 62 16.67 14.94 -9.71
N GLU A 63 15.84 14.03 -9.14
CA GLU A 63 15.88 12.61 -9.43
C GLU A 63 14.45 12.12 -9.51
N PRO A 64 14.09 11.30 -10.53
CA PRO A 64 12.67 11.00 -10.79
C PRO A 64 12.12 10.12 -9.68
N PHE A 65 10.80 10.20 -9.47
CA PHE A 65 10.04 9.36 -8.55
C PHE A 65 9.57 8.10 -9.30
N VAL A 66 9.85 6.94 -8.70
CA VAL A 66 9.78 5.66 -9.39
C VAL A 66 8.91 4.75 -8.52
N PHE A 67 7.97 4.03 -9.17
CA PHE A 67 7.06 3.14 -8.45
C PHE A 67 6.45 2.14 -9.43
N SER A 68 5.87 1.06 -8.88
CA SER A 68 5.23 0.05 -9.72
C SER A 68 3.73 0.35 -9.76
N LEU A 69 3.18 0.48 -10.96
CA LEU A 69 1.82 0.96 -11.12
C LEU A 69 0.82 -0.08 -10.62
N GLY A 70 -0.22 0.41 -9.97
CA GLY A 70 -1.44 -0.37 -9.70
C GLY A 70 -1.26 -1.32 -8.55
N LYS A 71 -0.18 -1.12 -7.73
CA LYS A 71 0.10 -1.98 -6.59
C LYS A 71 -0.26 -1.25 -5.30
N GLY A 72 -0.91 -0.10 -5.38
CA GLY A 72 -1.17 0.70 -4.20
C GLY A 72 0.10 1.14 -3.43
N GLN A 73 1.27 1.27 -4.09
CA GLN A 73 2.46 1.90 -3.51
C GLN A 73 2.34 3.42 -3.38
N VAL A 74 1.38 4.01 -4.08
CA VAL A 74 1.04 5.41 -4.04
C VAL A 74 -0.46 5.54 -3.80
N ILE A 75 -0.93 6.75 -3.51
CA ILE A 75 -2.35 6.94 -3.26
C ILE A 75 -3.12 6.45 -4.50
N LYS A 76 -4.39 6.10 -4.29
CA LYS A 76 -5.25 5.48 -5.27
C LYS A 76 -5.36 6.39 -6.50
N ALA A 77 -5.44 7.71 -6.29
CA ALA A 77 -5.60 8.66 -7.39
C ALA A 77 -4.43 8.59 -8.39
N TRP A 78 -3.23 8.24 -7.89
CA TRP A 78 -2.08 8.11 -8.76
C TRP A 78 -2.11 6.81 -9.57
N ASP A 79 -2.53 5.69 -8.95
CA ASP A 79 -2.63 4.43 -9.66
C ASP A 79 -3.67 4.58 -10.77
N ILE A 80 -4.76 5.33 -10.49
CA ILE A 80 -5.78 5.65 -11.49
C ILE A 80 -5.23 6.58 -12.57
N GLY A 81 -4.57 7.69 -12.16
CA GLY A 81 -4.26 8.81 -13.02
C GLY A 81 -3.09 8.55 -13.95
N VAL A 82 -1.98 8.07 -13.36
CA VAL A 82 -0.80 7.76 -14.14
C VAL A 82 -1.12 6.61 -15.11
N ALA A 83 -2.08 5.73 -14.81
CA ALA A 83 -2.44 4.68 -15.76
C ALA A 83 -3.04 5.26 -17.04
N THR A 84 -3.57 6.49 -17.01
CA THR A 84 -4.16 7.12 -18.19
C THR A 84 -3.15 7.92 -19.00
N MET A 85 -1.86 7.99 -18.61
CA MET A 85 -0.93 8.91 -19.23
C MET A 85 -0.02 8.20 -20.24
N LYS A 86 0.36 8.94 -21.29
CA LYS A 86 1.35 8.52 -22.29
C LYS A 86 2.75 9.02 -21.95
N LYS A 87 3.77 8.30 -22.44
CA LYS A 87 5.17 8.68 -22.27
C LYS A 87 5.37 10.09 -22.83
N GLY A 88 5.84 11.02 -22.01
CA GLY A 88 6.03 12.40 -22.41
C GLY A 88 4.94 13.37 -21.94
N GLU A 89 3.80 12.81 -21.52
CA GLU A 89 2.65 13.59 -21.10
C GLU A 89 2.90 14.37 -19.79
N ILE A 90 2.33 15.57 -19.73
CA ILE A 90 2.21 16.30 -18.48
C ILE A 90 0.73 16.50 -18.21
N ALA A 91 0.28 16.18 -17.00
CA ALA A 91 -1.11 16.30 -16.61
C ALA A 91 -1.27 16.98 -15.26
N HIS A 92 -2.46 17.57 -15.03
CA HIS A 92 -2.84 18.06 -13.72
C HIS A 92 -3.89 17.10 -13.13
N LEU A 93 -3.74 16.71 -11.86
CA LEU A 93 -4.79 16.03 -11.14
C LEU A 93 -5.26 16.85 -9.94
N LEU A 94 -6.57 16.89 -9.75
CA LEU A 94 -7.23 17.28 -8.52
C LEU A 94 -7.96 16.08 -7.93
N ILE A 95 -7.74 15.83 -6.64
CA ILE A 95 -8.08 14.60 -5.95
C ILE A 95 -8.85 14.86 -4.65
N LYS A 96 -10.08 14.31 -4.55
CA LYS A 96 -10.81 14.30 -3.30
C LYS A 96 -10.14 13.36 -2.29
N PRO A 97 -10.43 13.58 -0.99
CA PRO A 97 -9.78 12.86 0.09
C PRO A 97 -9.93 11.34 0.00
N GLU A 98 -11.08 10.87 -0.49
CA GLU A 98 -11.34 9.44 -0.62
C GLU A 98 -10.32 8.73 -1.51
N TYR A 99 -9.70 9.43 -2.46
CA TYR A 99 -8.70 8.84 -3.35
C TYR A 99 -7.28 9.24 -2.94
N ALA A 100 -7.12 9.83 -1.77
CA ALA A 100 -5.81 10.23 -1.26
C ALA A 100 -5.64 9.71 0.18
N TYR A 101 -5.81 10.55 1.22
CA TYR A 101 -5.49 10.14 2.59
C TYR A 101 -6.74 10.00 3.47
N GLY A 102 -7.91 10.30 2.92
CA GLY A 102 -9.17 10.00 3.59
C GLY A 102 -9.42 10.86 4.82
N SER A 103 -10.34 10.36 5.65
CA SER A 103 -10.71 11.04 6.90
C SER A 103 -9.60 10.90 7.93
N ALA A 104 -8.79 9.85 7.85
CA ALA A 104 -7.67 9.68 8.76
C ALA A 104 -6.58 10.71 8.52
N GLY A 105 -6.38 11.10 7.28
CA GLY A 105 -5.24 11.95 6.94
C GLY A 105 -3.92 11.20 7.08
N SER A 106 -2.83 11.96 7.17
CA SER A 106 -1.49 11.42 7.35
C SER A 106 -0.66 12.42 8.16
N LEU A 107 -1.10 12.61 9.39
CA LEU A 107 -0.59 13.64 10.27
C LEU A 107 0.79 13.26 10.74
N PRO A 108 1.66 14.25 11.03
CA PRO A 108 1.33 15.66 10.90
C PRO A 108 1.38 16.28 9.51
N LYS A 109 1.85 15.55 8.52
CA LYS A 109 2.02 16.09 7.18
C LYS A 109 0.70 16.40 6.47
N ILE A 110 -0.28 15.48 6.46
CA ILE A 110 -1.51 15.71 5.67
C ILE A 110 -2.68 15.72 6.64
N PRO A 111 -3.53 16.77 6.64
CA PRO A 111 -4.71 16.81 7.49
C PRO A 111 -5.76 15.81 7.07
N SER A 112 -6.69 15.60 7.98
CA SER A 112 -7.88 14.84 7.71
C SER A 112 -8.65 15.51 6.56
N ASN A 113 -9.19 14.72 5.67
CA ASN A 113 -10.08 15.17 4.61
C ASN A 113 -9.41 16.21 3.71
N ALA A 114 -8.15 15.98 3.34
CA ALA A 114 -7.45 16.92 2.48
C ALA A 114 -7.72 16.64 0.99
N THR A 115 -7.99 17.72 0.24
CA THR A 115 -7.86 17.70 -1.21
C THR A 115 -6.44 18.05 -1.67
N LEU A 116 -5.97 17.25 -2.65
CA LEU A 116 -4.63 17.32 -3.21
C LEU A 116 -4.71 17.72 -4.68
N PHE A 117 -3.61 18.38 -5.09
CA PHE A 117 -3.32 18.76 -6.44
C PHE A 117 -1.92 18.33 -6.83
N PHE A 118 -1.79 17.73 -8.01
CA PHE A 118 -0.49 17.40 -8.57
C PHE A 118 -0.35 17.84 -10.03
N GLU A 119 0.88 18.25 -10.37
CA GLU A 119 1.34 18.30 -11.74
C GLU A 119 2.30 17.13 -11.91
N ILE A 120 2.02 16.29 -12.93
CA ILE A 120 2.80 15.08 -13.16
C ILE A 120 3.32 15.01 -14.59
N GLU A 121 4.62 14.68 -14.74
CA GLU A 121 5.23 14.37 -16.01
C GLU A 121 5.58 12.88 -16.02
N LEU A 122 5.01 12.15 -17.00
CA LEU A 122 5.35 10.75 -17.19
C LEU A 122 6.57 10.66 -18.11
N LEU A 123 7.73 10.29 -17.55
CA LEU A 123 8.98 10.26 -18.29
C LEU A 123 9.08 8.95 -19.07
N ASP A 124 8.77 7.83 -18.39
CA ASP A 124 9.01 6.53 -18.96
C ASP A 124 8.26 5.47 -18.15
N PHE A 125 8.01 4.32 -18.78
CA PHE A 125 7.49 3.14 -18.12
C PHE A 125 8.03 1.91 -18.81
N LYS A 126 8.39 0.90 -18.01
CA LYS A 126 9.14 -0.27 -18.44
C LYS A 126 8.38 -1.46 -17.85
N GLY A 127 8.41 -2.59 -18.55
CA GLY A 127 7.72 -3.79 -18.10
C GLY A 127 8.34 -4.36 -16.83
N GLU A 128 7.53 -5.11 -16.09
CA GLU A 128 8.00 -5.87 -14.95
C GLU A 128 9.15 -6.79 -15.45
N GLY B 1 -4.34 -5.40 25.63
CA GLY B 1 -4.56 -6.75 25.10
C GLY B 1 -3.41 -7.14 24.18
N ALA B 2 -3.76 -7.94 23.18
CA ALA B 2 -2.79 -8.71 22.43
C ALA B 2 -1.79 -7.78 21.76
N PRO B 3 -2.16 -6.65 21.11
CA PRO B 3 -1.15 -5.81 20.48
C PRO B 3 -0.10 -5.18 21.41
N ALA B 4 -0.54 -4.75 22.58
CA ALA B 4 0.37 -4.16 23.55
C ALA B 4 1.32 -5.24 24.07
N THR B 5 0.83 -6.48 24.22
CA THR B 5 1.64 -7.59 24.73
C THR B 5 2.76 -7.85 23.73
N VAL B 6 2.46 -7.72 22.43
CA VAL B 6 3.47 -8.00 21.41
C VAL B 6 4.50 -6.89 21.43
N THR B 7 4.05 -5.63 21.54
CA THR B 7 4.97 -4.50 21.71
C THR B 7 5.94 -4.77 22.86
N GLU B 8 5.44 -5.20 24.01
CA GLU B 8 6.26 -5.29 25.20
C GLU B 8 7.12 -6.55 25.20
N GLN B 9 6.62 -7.66 24.60
CA GLN B 9 7.20 -8.98 24.82
C GLN B 9 7.60 -9.68 23.52
N GLY B 10 7.26 -9.13 22.35
CA GLY B 10 7.49 -9.86 21.12
C GLY B 10 8.96 -9.82 20.67
N GLU B 11 9.33 -10.88 19.94
CA GLU B 11 10.66 -10.98 19.34
C GLU B 11 10.71 -10.19 18.02
N ASP B 12 11.79 -9.43 17.80
CA ASP B 12 11.99 -8.72 16.57
C ASP B 12 12.60 -9.65 15.50
N ILE B 13 11.78 -10.02 14.50
CA ILE B 13 12.23 -11.00 13.51
C ILE B 13 12.67 -10.31 12.20
N THR B 14 12.93 -9.00 12.21
CA THR B 14 13.42 -8.30 11.01
C THR B 14 14.93 -8.49 10.89
N SER B 15 15.43 -8.44 9.64
CA SER B 15 16.86 -8.51 9.35
C SER B 15 17.54 -7.24 9.85
N LYS B 16 16.83 -6.13 9.67
CA LYS B 16 17.37 -4.83 10.02
C LYS B 16 17.29 -4.61 11.52
N LYS B 17 16.55 -5.42 12.27
CA LYS B 17 16.36 -5.18 13.70
C LYS B 17 15.81 -3.76 13.94
N ASP B 18 14.74 -3.41 13.22
CA ASP B 18 14.09 -2.10 13.34
C ASP B 18 12.72 -2.22 14.03
N ARG B 19 12.46 -3.38 14.66
CA ARG B 19 11.20 -3.72 15.32
C ARG B 19 9.98 -3.56 14.39
N GLY B 20 10.17 -3.70 13.06
CA GLY B 20 9.09 -3.58 12.10
C GLY B 20 8.10 -4.75 12.12
N VAL B 21 8.55 -5.92 12.56
CA VAL B 21 7.73 -7.12 12.65
C VAL B 21 8.11 -7.80 13.98
N LEU B 22 7.17 -7.81 14.93
CA LEU B 22 7.35 -8.43 16.24
C LEU B 22 6.41 -9.63 16.35
N LYS B 23 6.86 -10.71 17.01
CA LYS B 23 6.17 -11.99 16.98
C LYS B 23 6.17 -12.62 18.36
N ILE B 24 5.03 -13.21 18.75
CA ILE B 24 4.98 -14.14 19.88
C ILE B 24 4.36 -15.43 19.37
N VAL B 25 5.00 -16.55 19.70
CA VAL B 25 4.42 -17.85 19.43
C VAL B 25 3.32 -18.07 20.47
N LYS B 26 2.10 -18.29 20.03
CA LYS B 26 1.04 -18.50 20.99
C LYS B 26 0.76 -19.98 21.16
N ARG B 27 0.88 -20.79 20.11
CA ARG B 27 0.79 -22.24 20.25
C ARG B 27 1.84 -22.93 19.39
N VAL B 28 2.61 -23.83 20.02
CA VAL B 28 3.75 -24.41 19.33
C VAL B 28 3.28 -25.39 18.26
N GLY B 29 4.01 -25.43 17.13
CA GLY B 29 3.73 -26.28 16.00
C GLY B 29 4.58 -27.56 16.06
N ASN B 30 4.49 -28.37 14.98
CA ASN B 30 5.13 -29.68 14.91
C ASN B 30 6.28 -29.67 13.90
N GLY B 31 7.32 -30.47 14.13
CA GLY B 31 8.42 -30.63 13.18
C GLY B 31 9.41 -29.48 13.28
N GLU B 32 10.53 -29.63 12.56
CA GLU B 32 11.62 -28.66 12.57
C GLU B 32 11.61 -27.79 11.29
N GLU B 33 10.86 -28.20 10.25
CA GLU B 33 10.77 -27.48 8.97
C GLU B 33 9.84 -26.26 9.06
N THR B 34 10.35 -25.08 8.67
CA THR B 34 9.52 -23.92 8.33
C THR B 34 9.49 -23.82 6.81
N PRO B 35 8.55 -23.06 6.21
CA PRO B 35 8.44 -23.01 4.77
C PRO B 35 9.58 -22.25 4.09
N MET B 36 9.92 -22.76 2.89
CA MET B 36 10.88 -22.15 1.99
C MET B 36 10.15 -21.17 1.08
N ILE B 37 10.86 -20.13 0.66
CA ILE B 37 10.35 -19.25 -0.36
C ILE B 37 9.89 -20.06 -1.56
N GLY B 38 8.67 -19.76 -2.03
CA GLY B 38 8.07 -20.43 -3.17
C GLY B 38 7.08 -21.51 -2.77
N ASP B 39 7.09 -21.89 -1.48
CA ASP B 39 6.16 -22.89 -0.97
C ASP B 39 4.74 -22.34 -1.07
N LYS B 40 3.75 -23.20 -1.37
CA LYS B 40 2.34 -22.84 -1.22
C LYS B 40 2.01 -22.99 0.25
N VAL B 41 1.37 -21.97 0.83
CA VAL B 41 1.11 -21.95 2.27
C VAL B 41 -0.40 -21.78 2.51
N TYR B 42 -0.90 -22.47 3.55
CA TYR B 42 -2.31 -22.54 3.94
C TYR B 42 -2.45 -22.02 5.38
N VAL B 43 -3.26 -20.96 5.59
CA VAL B 43 -3.41 -20.39 6.92
C VAL B 43 -4.87 -20.07 7.25
N HIS B 44 -5.10 -19.95 8.57
CA HIS B 44 -6.20 -19.17 9.12
C HIS B 44 -5.61 -17.97 9.86
N TYR B 45 -6.30 -16.85 9.76
CA TYR B 45 -5.86 -15.62 10.39
C TYR B 45 -7.08 -14.82 10.83
N LYS B 46 -6.84 -13.99 11.86
CA LYS B 46 -7.65 -12.84 12.22
C LYS B 46 -6.75 -11.62 12.30
N GLY B 47 -7.19 -10.50 11.75
CA GLY B 47 -6.33 -9.32 11.69
C GLY B 47 -7.12 -8.07 12.01
N LYS B 48 -6.43 -7.00 12.36
CA LYS B 48 -7.03 -5.72 12.67
C LYS B 48 -5.96 -4.65 12.60
N LEU B 49 -6.41 -3.42 12.47
CA LEU B 49 -5.59 -2.25 12.73
C LEU B 49 -5.27 -2.26 14.22
N SER B 50 -4.08 -1.84 14.63
CA SER B 50 -3.76 -1.94 16.05
C SER B 50 -4.68 -1.03 16.90
N ASN B 51 -5.20 0.05 16.31
CA ASN B 51 -6.28 0.90 16.83
C ASN B 51 -7.48 0.06 17.30
N GLY B 52 -7.67 -1.15 16.73
CA GLY B 52 -8.76 -2.05 17.07
C GLY B 52 -10.04 -1.72 16.29
N LYS B 53 -9.90 -1.14 15.09
CA LYS B 53 -10.99 -0.38 14.48
C LYS B 53 -11.64 -1.17 13.34
N LYS B 54 -10.83 -1.69 12.40
CA LYS B 54 -11.27 -2.66 11.40
C LYS B 54 -10.66 -4.01 11.79
N PHE B 55 -11.44 -5.09 11.61
CA PHE B 55 -11.14 -6.45 12.05
C PHE B 55 -11.53 -7.43 10.95
N ASP B 56 -10.65 -8.37 10.59
CA ASP B 56 -10.82 -9.18 9.41
C ASP B 56 -10.44 -10.63 9.71
N SER B 57 -11.14 -11.58 9.12
CA SER B 57 -10.82 -12.98 9.32
C SER B 57 -11.04 -13.81 8.05
N SER B 58 -10.19 -14.83 7.91
CA SER B 58 -10.36 -15.83 6.87
C SER B 58 -11.69 -16.58 7.05
N HIS B 59 -12.05 -16.89 8.31
CA HIS B 59 -13.30 -17.61 8.61
C HIS B 59 -14.53 -16.88 8.07
N ASP B 60 -14.48 -15.54 8.04
CA ASP B 60 -15.54 -14.68 7.52
C ASP B 60 -15.51 -14.65 5.97
N ARG B 61 -14.90 -15.67 5.33
CA ARG B 61 -15.16 -16.02 3.95
C ARG B 61 -15.20 -17.56 3.79
N ASN B 62 -15.11 -18.27 4.92
CA ASN B 62 -15.47 -19.68 5.11
C ASN B 62 -14.47 -20.62 4.45
N GLU B 63 -13.16 -20.32 4.52
CA GLU B 63 -12.14 -21.17 3.89
C GLU B 63 -10.73 -20.70 4.24
N PRO B 64 -9.70 -21.57 4.28
CA PRO B 64 -8.33 -21.13 4.59
C PRO B 64 -7.80 -20.20 3.51
N PHE B 65 -6.88 -19.31 3.91
CA PHE B 65 -6.26 -18.31 3.05
C PHE B 65 -4.95 -18.92 2.51
N VAL B 66 -4.81 -18.88 1.17
CA VAL B 66 -3.73 -19.59 0.50
C VAL B 66 -2.88 -18.59 -0.28
N PHE B 67 -1.56 -18.75 -0.23
CA PHE B 67 -0.65 -17.88 -0.97
C PHE B 67 0.71 -18.57 -1.14
N SER B 68 1.51 -18.08 -2.12
CA SER B 68 2.85 -18.59 -2.35
C SER B 68 3.81 -17.67 -1.60
N LEU B 69 4.67 -18.29 -0.79
CA LEU B 69 5.46 -17.54 0.17
C LEU B 69 6.61 -16.86 -0.59
N GLY B 70 6.91 -15.64 -0.16
CA GLY B 70 8.11 -14.94 -0.55
C GLY B 70 8.00 -14.36 -1.95
N LYS B 71 6.76 -14.26 -2.49
CA LYS B 71 6.54 -13.79 -3.84
C LYS B 71 5.86 -12.42 -3.78
N GLY B 72 5.74 -11.84 -2.59
CA GLY B 72 5.00 -10.59 -2.43
C GLY B 72 3.56 -10.67 -3.01
N GLN B 73 2.81 -11.75 -2.77
CA GLN B 73 1.36 -11.73 -2.94
C GLN B 73 0.64 -11.13 -1.71
N VAL B 74 1.36 -11.03 -0.59
CA VAL B 74 0.89 -10.52 0.68
C VAL B 74 1.91 -9.51 1.17
N ILE B 75 1.57 -8.77 2.21
CA ILE B 75 2.48 -7.75 2.75
C ILE B 75 3.79 -8.43 3.12
N LYS B 76 4.85 -7.61 3.12
CA LYS B 76 6.20 -8.02 3.44
C LYS B 76 6.25 -8.74 4.81
N ALA B 77 5.53 -8.23 5.80
CA ALA B 77 5.57 -8.80 7.17
C ALA B 77 5.05 -10.24 7.23
N TRP B 78 4.21 -10.62 6.26
CA TRP B 78 3.70 -11.98 6.21
C TRP B 78 4.76 -12.89 5.57
N ASP B 79 5.43 -12.43 4.50
CA ASP B 79 6.48 -13.19 3.85
C ASP B 79 7.57 -13.44 4.90
N ILE B 80 7.85 -12.45 5.73
CA ILE B 80 8.85 -12.60 6.80
C ILE B 80 8.35 -13.53 7.90
N GLY B 81 7.11 -13.29 8.37
CA GLY B 81 6.59 -13.89 9.60
C GLY B 81 6.20 -15.34 9.43
N VAL B 82 5.47 -15.64 8.35
CA VAL B 82 5.03 -16.97 8.05
C VAL B 82 6.26 -17.83 7.73
N ALA B 83 7.34 -17.27 7.13
CA ALA B 83 8.52 -18.10 6.92
C ALA B 83 9.12 -18.61 8.24
N THR B 84 8.84 -17.98 9.39
CA THR B 84 9.38 -18.41 10.67
C THR B 84 8.49 -19.44 11.39
N MET B 85 7.34 -19.84 10.84
CA MET B 85 6.38 -20.65 11.60
C MET B 85 6.45 -22.14 11.21
N LYS B 86 6.15 -23.01 12.19
CA LYS B 86 6.02 -24.45 11.99
C LYS B 86 4.56 -24.85 11.74
N LYS B 87 4.35 -25.97 11.02
CA LYS B 87 3.03 -26.52 10.76
C LYS B 87 2.33 -26.74 12.11
N GLY B 88 1.16 -26.11 12.28
CA GLY B 88 0.40 -26.21 13.52
C GLY B 88 0.57 -24.99 14.43
N GLU B 89 1.58 -24.16 14.17
CA GLU B 89 1.87 -23.02 15.02
C GLU B 89 0.78 -21.93 14.90
N ILE B 90 0.48 -21.32 16.04
CA ILE B 90 -0.26 -20.07 16.06
C ILE B 90 0.66 -19.00 16.60
N ALA B 91 0.73 -17.86 15.87
CA ALA B 91 1.57 -16.75 16.30
C ALA B 91 0.81 -15.41 16.26
N HIS B 92 1.26 -14.46 17.06
CA HIS B 92 0.78 -13.09 16.99
C HIS B 92 1.87 -12.22 16.34
N LEU B 93 1.49 -11.37 15.37
CA LEU B 93 2.41 -10.41 14.76
C LEU B 93 1.88 -8.98 14.95
N LEU B 94 2.79 -8.07 15.28
CA LEU B 94 2.56 -6.63 15.27
C LEU B 94 3.54 -6.04 14.24
N ILE B 95 3.01 -5.18 13.32
CA ILE B 95 3.70 -4.80 12.11
C ILE B 95 3.65 -3.28 11.92
N LYS B 96 4.81 -2.62 11.82
CA LYS B 96 4.88 -1.20 11.46
C LYS B 96 4.58 -1.01 9.97
N PRO B 97 4.21 0.22 9.58
CA PRO B 97 3.69 0.46 8.22
C PRO B 97 4.72 0.14 7.14
N GLU B 98 6.03 0.26 7.42
CA GLU B 98 7.05 -0.05 6.43
C GLU B 98 7.00 -1.53 6.00
N TYR B 99 6.43 -2.42 6.84
CA TYR B 99 6.33 -3.84 6.47
C TYR B 99 4.90 -4.19 6.08
N ALA B 100 4.03 -3.18 5.91
CA ALA B 100 2.66 -3.42 5.50
C ALA B 100 2.28 -2.48 4.34
N TYR B 101 1.53 -1.38 4.59
CA TYR B 101 1.02 -0.57 3.45
C TYR B 101 1.59 0.83 3.40
N GLY B 102 2.53 1.13 4.32
CA GLY B 102 3.37 2.32 4.20
C GLY B 102 2.60 3.65 4.34
N SER B 103 3.17 4.70 3.74
CA SER B 103 2.59 6.04 3.84
C SER B 103 1.36 6.16 2.96
N ALA B 104 1.30 5.38 1.86
CA ALA B 104 0.16 5.51 0.97
C ALA B 104 -1.08 4.86 1.57
N GLY B 105 -0.87 3.81 2.37
CA GLY B 105 -1.95 2.98 2.85
C GLY B 105 -2.63 2.24 1.70
N SER B 106 -3.87 1.81 1.96
CA SER B 106 -4.66 1.06 0.99
C SER B 106 -6.15 1.24 1.31
N LEU B 107 -6.64 2.45 1.03
CA LEU B 107 -8.00 2.84 1.37
C LEU B 107 -8.96 2.04 0.51
N PRO B 108 -10.21 1.80 1.00
CA PRO B 108 -10.66 2.35 2.28
C PRO B 108 -10.29 1.52 3.51
N LYS B 109 -9.70 0.34 3.32
CA LYS B 109 -9.48 -0.55 4.44
C LYS B 109 -8.35 -0.06 5.34
N ILE B 110 -7.22 0.36 4.73
CA ILE B 110 -6.04 0.68 5.50
C ILE B 110 -5.65 2.15 5.28
N PRO B 111 -5.56 2.96 6.35
CA PRO B 111 -5.04 4.31 6.22
C PRO B 111 -3.52 4.40 6.12
N SER B 112 -3.07 5.63 5.91
CA SER B 112 -1.67 5.96 5.87
C SER B 112 -1.03 5.60 7.20
N ASN B 113 0.14 5.00 7.15
CA ASN B 113 1.04 4.84 8.29
C ASN B 113 0.38 3.98 9.38
N ALA B 114 -0.29 2.90 8.98
CA ALA B 114 -1.04 2.09 9.90
C ALA B 114 -0.13 0.99 10.46
N THR B 115 -0.22 0.82 11.77
CA THR B 115 0.20 -0.44 12.41
C THR B 115 -0.91 -1.51 12.43
N LEU B 116 -0.53 -2.74 12.09
CA LEU B 116 -1.36 -3.92 11.91
C LEU B 116 -1.01 -4.98 12.96
N PHE B 117 -2.04 -5.73 13.38
CA PHE B 117 -1.96 -6.89 14.26
C PHE B 117 -2.63 -8.09 13.61
N PHE B 118 -1.95 -9.25 13.66
CA PHE B 118 -2.57 -10.49 13.23
C PHE B 118 -2.35 -11.61 14.24
N GLU B 119 -3.35 -12.49 14.31
CA GLU B 119 -3.19 -13.84 14.83
C GLU B 119 -3.22 -14.76 13.61
N ILE B 120 -2.18 -15.59 13.47
CA ILE B 120 -2.04 -16.49 12.34
C ILE B 120 -1.86 -17.94 12.78
N GLU B 121 -2.64 -18.85 12.16
CA GLU B 121 -2.43 -20.29 12.32
C GLU B 121 -1.90 -20.84 10.99
N LEU B 122 -0.70 -21.44 11.04
CA LEU B 122 -0.13 -22.12 9.89
C LEU B 122 -0.65 -23.57 9.84
N LEU B 123 -1.52 -23.86 8.87
CA LEU B 123 -2.14 -25.17 8.74
C LEU B 123 -1.20 -26.12 8.00
N ASP B 124 -0.66 -25.66 6.85
CA ASP B 124 0.06 -26.55 5.95
C ASP B 124 0.89 -25.74 4.96
N PHE B 125 1.94 -26.37 4.41
CA PHE B 125 2.74 -25.78 3.34
C PHE B 125 3.38 -26.88 2.48
N LYS B 126 3.25 -26.72 1.14
CA LYS B 126 3.63 -27.73 0.15
C LYS B 126 4.56 -27.05 -0.84
N GLY B 127 5.54 -27.78 -1.41
CA GLY B 127 6.53 -27.20 -2.31
C GLY B 127 6.00 -27.10 -3.74
N GLU B 128 6.31 -25.99 -4.43
CA GLU B 128 5.86 -25.78 -5.80
C GLU B 128 6.28 -26.99 -6.66
C4 A1H68 C . 3.92 12.93 -0.17
C14 A1H68 C . 4.31 7.95 -0.96
C5 A1H68 C . 3.08 13.65 -1.21
C6 A1H68 C . 2.12 12.65 -1.82
C11 A1H68 C . 1.62 10.73 -3.17
C7 A1H68 C . 3.91 11.84 -3.34
C8 A1H68 C . 4.11 11.32 -4.75
C9 A1H68 C . 3.27 10.11 -5.06
C10 A1H68 C . 1.82 10.37 -4.66
C12 A1H68 C . 1.86 9.47 -2.34
C13 A1H68 C . 3.02 8.52 -0.45
N1 A1H68 C . 2.52 11.83 -2.81
N2 A1H68 C . 6.47 7.82 -1.49
C3 A1H68 C . 5.32 12.96 -0.27
N3 A1H68 C . 5.82 6.69 -1.86
C1 A1H68 C . 8.17 12.78 -0.42
O1 A1H68 C . 7.46 12.25 0.68
C2 A1H68 C . 6.10 12.30 0.67
O2 A1H68 C . 1.03 12.53 -1.31
O3 A1H68 C . 1.42 8.39 -2.64
O4 A1H68 C . 2.66 9.66 -1.29
C15 A1H68 C . 5.55 8.61 -0.96
C16 A1H68 C . 6.54 5.59 -2.51
C17 A1H68 C . 4.52 6.77 -1.59
C18 A1H68 C . 2.31 14.81 -0.57
C19 A1H68 C . 3.22 15.76 0.20
C20 A1H68 C . 2.50 17.04 0.68
C21 A1H68 C . 1.86 17.76 -0.50
C22 A1H68 C . 0.89 16.79 -1.12
C23 A1H68 C . 1.56 15.59 -1.67
C24 A1H68 C . 3.31 12.27 0.89
C25 A1H68 C . 4.11 11.63 1.83
O5 A1H68 C . 3.63 10.95 2.91
C26 A1H68 C . 2.26 11.11 3.27
C27 A1H68 C . 5.50 11.64 1.73
O6 A1H68 C . 6.32 11.06 2.69
C28 A1H68 C . 6.62 9.67 2.54
H5 A1H68 C . 3.68 14.01 -1.91
H14 A1H68 C . 0.68 11.02 -3.04
H7 A1H68 C . 4.47 11.30 -2.74
H6 A1H68 C . 4.25 12.75 -3.31
H8 A1H68 C . 5.05 11.08 -4.88
H9 A1H68 C . 3.89 12.04 -5.39
H10 A1H68 C . 3.61 9.33 -4.58
H11 A1H68 C . 3.30 9.93 -6.03
H12 A1H68 C . 1.28 9.57 -4.86
H13 A1H68 C . 1.47 11.11 -5.21
H15 A1H68 C . 2.32 7.83 -0.48
H16 A1H68 C . 3.13 8.81 0.48
H4 A1H68 C . 5.71 13.40 -1.00
H3 A1H68 C . 9.11 12.62 -0.30
H1 A1H68 C . 8.00 13.73 -0.48
H2 A1H68 C . 7.87 12.35 -1.23
H17 A1H68 C . 5.74 9.45 -0.59
H20 A1H68 C . 6.96 5.91 -3.31
H18 A1H68 C . 5.91 4.89 -2.74
H19 A1H68 C . 7.20 5.24 -1.91
H21 A1H68 C . 3.88 6.10 -1.74
H22 A1H68 C . 1.65 14.45 0.07
H24 A1H68 C . 3.97 16.02 -0.37
H23 A1H68 C . 3.60 15.30 0.98
H25 A1H68 C . 3.14 17.64 1.11
H26 A1H68 C . 1.81 16.80 1.33
H27 A1H68 C . 2.55 18.00 -1.17
H28 A1H68 C . 1.39 18.57 -0.21
H29 A1H68 C . 0.40 17.25 -1.84
H30 A1H68 C . 0.24 16.52 -0.43
H32 A1H68 C . 2.19 15.86 -2.36
H31 A1H68 C . 0.90 15.00 -2.07
H33 A1H68 C . 2.37 12.25 0.96
H36 A1H68 C . 2.10 10.67 4.12
H34 A1H68 C . 1.70 10.71 2.59
H35 A1H68 C . 2.06 12.06 3.35
H39 A1H68 C . 7.20 9.38 3.26
H37 A1H68 C . 7.07 9.53 1.70
H38 A1H68 C . 5.79 9.16 2.56
C4 A1H68 D . -6.66 -7.35 4.04
C14 A1H68 D . -4.09 -9.35 0.27
C5 A1H68 D . -6.02 -7.53 5.41
C6 A1H68 D . -4.51 -7.67 5.23
C11 A1H68 D . -2.59 -9.01 4.46
C7 A1H68 D . -4.90 -10.07 4.57
C8 A1H68 D . -4.24 -11.42 4.94
C9 A1H68 D . -2.87 -11.51 4.33
C10 A1H68 D . -2.03 -10.38 4.89
C12 A1H68 D . -2.50 -8.80 2.94
C13 A1H68 D . -3.66 -8.11 0.97
N1 A1H68 D . -4.02 -8.88 4.85
N2 A1H68 D . -5.51 -10.95 -0.45
C3 A1H68 D . -7.63 -8.25 3.63
N3 A1H68 D . -4.24 -11.25 -0.83
C1 A1H68 D . -9.91 -9.80 2.75
O1 A1H68 D . -9.22 -8.91 1.87
C2 A1H68 D . -8.26 -8.07 2.40
O2 A1H68 D . -3.77 -6.68 5.38
O3 A1H68 D . -1.50 -8.95 2.30
O4 A1H68 D . -3.66 -8.39 2.40
C15 A1H68 D . -5.42 -9.81 0.23
C16 A1H68 D . -3.96 -12.45 -1.61
C17 A1H68 D . -3.38 -10.30 -0.41
C18 A1H68 D . -6.37 -6.40 6.43
C19 A1H68 D . -7.86 -6.08 6.48
C20 A1H68 D . -8.23 -5.05 7.58
C21 A1H68 D . -7.55 -5.14 8.94
C22 A1H68 D . -6.06 -5.51 8.76
C23 A1H68 D . -5.93 -6.72 7.87
C24 A1H68 D . -6.34 -6.26 3.23
C25 A1H68 D . -6.98 -6.09 2.01
O5 A1H68 D . -6.72 -5.07 1.14
C26 A1H68 D . -5.71 -4.13 1.51
C27 A1H68 D . -7.95 -7.00 1.58
O6 A1H68 D . -8.63 -6.84 0.40
C28 A1H68 D . -7.95 -7.12 -0.84
H5 A1H68 D . -6.35 -8.38 5.78
H14 A1H68 D . -2.07 -8.29 4.91
H7 A1H68 D . -5.12 -10.09 3.62
H6 A1H68 D . -5.73 -9.99 5.08
H8 A1H68 D . -4.81 -12.15 4.60
H9 A1H68 D . -4.19 -11.50 5.91
H10 A1H68 D . -2.93 -11.45 3.36
H11 A1H68 D . -2.47 -12.38 4.56
H12 A1H68 D . -1.09 -10.46 4.57
H13 A1H68 D . -2.02 -10.43 5.88
H15 A1H68 D . -2.76 -7.85 0.67
H16 A1H68 D . -4.27 -7.37 0.77
H4 A1H68 D . -7.85 -8.98 4.18
H3 A1H68 D . -10.64 -10.22 2.27
H1 A1H68 D . -10.26 -9.31 3.51
H2 A1H68 D . -9.29 -10.48 3.06
H17 A1H68 D . -6.15 -9.37 0.60
H20 A1H68 D . -4.33 -13.23 -1.16
H18 A1H68 D . -3.01 -12.56 -1.71
H19 A1H68 D . -4.36 -12.37 -2.48
H21 A1H68 D . -2.44 -10.29 -0.55
H22 A1H68 D . -5.90 -5.58 6.14
H24 A1H68 D . -8.35 -6.91 6.65
H23 A1H68 D . -8.15 -5.74 5.61
H25 A1H68 D . -9.20 -5.11 7.74
H26 A1H68 D . -8.06 -4.16 7.21
H27 A1H68 D . -7.99 -5.81 9.50
H28 A1H68 D . -7.60 -4.26 9.40
H29 A1H68 D . -5.67 -5.71 9.64
H30 A1H68 D . -5.57 -4.75 8.38
H32 A1H68 D . -6.48 -7.45 8.22
H31 A1H68 D . -5.00 -7.02 7.86
H33 A1H68 D . -5.69 -5.64 3.52
H36 A1H68 D . -5.63 -3.46 0.81
H34 A1H68 D . -4.86 -4.58 1.61
H35 A1H68 D . -5.95 -3.69 2.34
H39 A1H68 D . -8.57 -6.98 -1.58
H37 A1H68 D . -7.66 -8.05 -0.83
H38 A1H68 D . -7.19 -6.54 -0.92
#